data_5EA0
#
_entry.id   5EA0
#
_cell.length_a   51.280
_cell.length_b   65.547
_cell.length_c   71.267
_cell.angle_alpha   90.00
_cell.angle_beta   106.37
_cell.angle_gamma   90.00
#
_symmetry.space_group_name_H-M   'P 1 21 1'
#
loop_
_entity.id
_entity.type
_entity.pdbx_description
1 polymer 'Heavy chain of antibody 7968 Fab fragment'
2 polymer 'Light chain of antibody 7968 Fab fragment'
3 polymer 'Complement factor H-related protein 2'
4 water water
#
loop_
_entity_poly.entity_id
_entity_poly.type
_entity_poly.pdbx_seq_one_letter_code
_entity_poly.pdbx_strand_id
1 'polypeptide(L)'
;EVQLVESGGGVVQPGRSLRLSCAASGFTFSRYGMHWVRQAPGKGLEWVAVMSYDGSTKYYADSVKGRFAISRDNPKNTLF
LQMNSLRPDDTAVYYCAKGGAAAAVMDVWGKGTTVTVSSASTKGPSVFPLAPSSKSTSGGTAALGCLVKDYFPEPVTVSW
NSGALTSGVHTFPAVLQSSGLYSLSSVVTVPSSSLGTQTYICNVNHKPSNTKVDKRVEPKSCDK
;
H
2 'polypeptide(L)'
;DIVMTQSPDSLTVSLGERATISCKSSQRLLYSSNNKNYLAWYQQKPGQPPKLLMYWASTRESGVPDRFSGSGSGTDFSLT
ISSLQAEDVAVYYCQQYYNPPWTFGQGTKVEVKRTVAAPSVFIFPPSDEQLKSGTASVVCLLNNFYPREAKVQWKVDNAL
QSGNSQESVTEQDSKDSTYSLSSTLTLSKADYEKHKVYACEVTHQGLSSPVTKSFNRGEC
;
L
3 'polypeptide(L)' (ACE)GPPPPIDNGDITS(NH2) P
#
loop_
_chem_comp.id
_chem_comp.type
_chem_comp.name
_chem_comp.formula
ACE non-polymer 'ACETYL GROUP' 'C2 H4 O'
NH2 non-polymer 'AMINO GROUP' 'H2 N'
#
# COMPACT_ATOMS: atom_id res chain seq x y z
N GLU A 1 18.92 -3.65 -14.85
CA GLU A 1 17.64 -2.95 -14.95
C GLU A 1 17.60 -1.70 -14.06
N VAL A 2 16.68 -0.78 -14.37
CA VAL A 2 16.61 0.50 -13.67
C VAL A 2 16.11 0.40 -12.23
N GLN A 3 16.81 1.07 -11.32
CA GLN A 3 16.44 1.08 -9.91
C GLN A 3 16.53 2.47 -9.30
N LEU A 4 15.53 2.81 -8.52
CA LEU A 4 15.46 4.07 -7.78
C LEU A 4 15.15 3.76 -6.32
N VAL A 5 16.05 4.10 -5.40
CA VAL A 5 15.78 3.83 -4.00
C VAL A 5 15.74 5.14 -3.24
N GLU A 6 14.57 5.38 -2.64
CA GLU A 6 14.31 6.58 -1.87
C GLU A 6 14.71 6.37 -0.42
N SER A 7 14.99 7.47 0.27
CA SER A 7 15.42 7.41 1.65
C SER A 7 15.19 8.76 2.29
N GLY A 8 15.07 8.76 3.61
CA GLY A 8 14.98 10.00 4.36
C GLY A 8 13.63 10.22 5.02
N GLY A 9 12.71 9.29 4.80
CA GLY A 9 11.40 9.42 5.38
C GLY A 9 11.43 9.09 6.86
N GLY A 10 10.31 9.33 7.52
CA GLY A 10 10.21 9.15 8.96
C GLY A 10 9.21 10.15 9.44
N VAL A 11 9.30 10.54 10.71
CA VAL A 11 8.35 11.47 11.27
C VAL A 11 9.01 12.82 11.49
N VAL A 12 8.24 13.89 11.28
CA VAL A 12 8.73 15.26 11.45
C VAL A 12 7.62 16.05 12.16
N GLN A 13 8.01 16.96 13.04
CA GLN A 13 7.04 17.81 13.74
C GLN A 13 6.52 18.89 12.79
N PRO A 14 5.27 19.34 13.00
CA PRO A 14 4.72 20.40 12.14
C PRO A 14 5.61 21.62 12.15
N GLY A 15 5.82 22.22 10.99
CA GLY A 15 6.61 23.42 10.88
C GLY A 15 8.03 23.18 10.40
N ARG A 16 8.54 21.97 10.59
CA ARG A 16 9.96 21.73 10.33
C ARG A 16 10.26 21.16 8.93
N SER A 17 11.54 20.85 8.74
CA SER A 17 12.04 20.51 7.42
C SER A 17 12.54 19.09 7.39
N LEU A 18 12.72 18.57 6.18
CA LEU A 18 13.16 17.21 5.94
C LEU A 18 13.69 17.12 4.53
N ARG A 19 14.82 16.46 4.37
CA ARG A 19 15.44 16.26 3.05
C ARG A 19 15.38 14.78 2.64
N LEU A 20 14.79 14.52 1.49
CA LEU A 20 14.71 13.17 0.95
C LEU A 20 15.76 12.98 -0.14
N SER A 21 16.18 11.73 -0.36
CA SER A 21 17.14 11.39 -1.41
C SER A 21 16.64 10.26 -2.31
N CYS A 22 17.19 10.22 -3.52
CA CYS A 22 16.86 9.13 -4.44
C CYS A 22 18.11 8.70 -5.15
N ALA A 23 18.58 7.51 -4.83
CA ALA A 23 19.76 6.92 -5.44
C ALA A 23 19.35 6.18 -6.71
N ALA A 24 19.77 6.69 -7.86
CA ALA A 24 19.40 6.09 -9.14
C ALA A 24 20.50 5.15 -9.61
N SER A 25 20.11 4.05 -10.24
CA SER A 25 21.09 3.13 -10.81
C SER A 25 20.51 2.44 -12.06
N GLY A 26 21.40 1.94 -12.92
CA GLY A 26 20.99 1.09 -14.04
C GLY A 26 20.63 1.87 -15.28
N PHE A 27 20.97 3.15 -15.29
CA PHE A 27 20.83 3.98 -16.48
C PHE A 27 21.68 5.25 -16.38
N THR A 28 21.83 5.94 -17.50
CA THR A 28 22.59 7.19 -17.48
C THR A 28 21.75 8.31 -16.89
N PHE A 29 21.92 8.49 -15.58
CA PHE A 29 21.19 9.47 -14.81
C PHE A 29 21.29 10.88 -15.43
N SER A 30 22.44 11.20 -16.02
CA SER A 30 22.70 12.52 -16.60
C SER A 30 21.77 12.90 -17.76
N ARG A 31 21.17 11.91 -18.39
CA ARG A 31 20.39 12.14 -19.60
C ARG A 31 18.88 12.27 -19.34
N TYR A 32 18.46 12.14 -18.09
CA TYR A 32 17.04 12.03 -17.82
C TYR A 32 16.52 13.02 -16.77
N GLY A 33 15.35 13.58 -17.05
CA GLY A 33 14.64 14.35 -16.07
C GLY A 33 14.12 13.39 -15.04
N MET A 34 13.89 13.90 -13.83
CA MET A 34 13.45 13.09 -12.70
C MET A 34 12.34 13.78 -11.92
N HIS A 35 11.36 13.01 -11.46
CA HIS A 35 10.24 13.56 -10.69
C HIS A 35 10.14 13.06 -9.25
N TRP A 36 9.45 13.87 -8.45
CA TRP A 36 8.97 13.44 -7.15
C TRP A 36 7.45 13.38 -7.25
N VAL A 37 6.86 12.28 -6.79
CA VAL A 37 5.41 12.15 -6.72
C VAL A 37 5.06 11.59 -5.32
N ARG A 38 3.90 11.98 -4.79
CA ARG A 38 3.51 11.52 -3.46
C ARG A 38 2.08 10.97 -3.43
N GLN A 39 1.79 10.22 -2.38
CA GLN A 39 0.51 9.55 -2.23
C GLN A 39 0.15 9.50 -0.74
N ALA A 40 -0.83 10.30 -0.33
CA ALA A 40 -1.34 10.23 1.03
C ALA A 40 -1.91 8.83 1.22
N PRO A 41 -1.98 8.34 2.48
CA PRO A 41 -2.41 6.95 2.67
C PRO A 41 -3.84 6.72 2.18
N GLY A 42 -4.01 5.68 1.36
CA GLY A 42 -5.31 5.31 0.83
C GLY A 42 -5.81 6.25 -0.25
N LYS A 43 -4.95 7.16 -0.71
CA LYS A 43 -5.37 8.24 -1.59
C LYS A 43 -4.70 8.18 -2.96
N GLY A 44 -4.89 9.21 -3.77
CA GLY A 44 -4.37 9.20 -5.12
C GLY A 44 -2.93 9.66 -5.24
N LEU A 45 -2.42 9.61 -6.46
CA LEU A 45 -1.07 10.10 -6.78
C LEU A 45 -1.07 11.62 -7.01
N GLU A 46 -0.05 12.29 -6.49
CA GLU A 46 0.04 13.73 -6.63
C GLU A 46 1.45 14.16 -7.05
N TRP A 47 1.57 14.67 -8.27
CA TRP A 47 2.85 15.13 -8.78
C TRP A 47 3.34 16.27 -7.90
N VAL A 48 4.63 16.24 -7.58
CA VAL A 48 5.21 17.20 -6.65
C VAL A 48 6.12 18.19 -7.39
N ALA A 49 7.09 17.66 -8.14
CA ALA A 49 8.07 18.48 -8.84
C ALA A 49 8.87 17.64 -9.83
N VAL A 50 9.59 18.32 -10.74
CA VAL A 50 10.47 17.67 -11.70
C VAL A 50 11.69 18.54 -11.91
N MET A 51 12.83 17.92 -12.17
CA MET A 51 14.03 18.62 -12.58
C MET A 51 14.59 17.97 -13.83
N SER A 52 15.00 18.79 -14.78
CA SER A 52 15.52 18.30 -16.05
C SER A 52 16.87 17.58 -15.91
N TYR A 53 17.25 16.88 -16.99
CA TYR A 53 18.51 16.12 -17.05
C TYR A 53 19.77 16.86 -16.56
N ASP A 54 19.98 18.09 -17.04
CA ASP A 54 21.17 18.88 -16.75
C ASP A 54 20.93 19.87 -15.61
N GLY A 55 19.71 19.89 -15.11
CA GLY A 55 19.38 20.66 -13.93
C GLY A 55 18.95 22.11 -14.07
N SER A 56 18.96 22.59 -15.31
CA SER A 56 18.63 23.97 -15.62
C SER A 56 17.13 24.25 -15.60
N THR A 57 16.31 23.20 -15.56
CA THR A 57 14.85 23.39 -15.58
C THR A 57 14.11 22.61 -14.49
N LYS A 58 13.22 23.33 -13.80
CA LYS A 58 12.34 22.81 -12.74
C LYS A 58 10.89 23.22 -12.95
N TYR A 59 9.99 22.47 -12.33
CA TYR A 59 8.61 22.86 -12.15
C TYR A 59 8.11 22.21 -10.86
N TYR A 60 7.22 22.92 -10.16
CA TYR A 60 6.71 22.46 -8.87
C TYR A 60 5.18 22.49 -8.88
N ALA A 61 4.56 21.60 -8.12
CA ALA A 61 3.13 21.68 -7.88
C ALA A 61 2.83 22.99 -7.13
N ASP A 62 1.63 23.50 -7.27
CA ASP A 62 1.27 24.71 -6.53
C ASP A 62 1.30 24.39 -5.04
N SER A 63 0.93 23.15 -4.70
CA SER A 63 0.88 22.68 -3.31
C SER A 63 2.18 22.89 -2.53
N VAL A 64 3.29 22.95 -3.25
CA VAL A 64 4.62 22.88 -2.64
C VAL A 64 5.51 24.01 -3.12
N LYS A 65 5.05 24.74 -4.14
CA LYS A 65 5.82 25.83 -4.72
C LYS A 65 6.26 26.81 -3.64
N GLY A 66 7.56 27.05 -3.55
CA GLY A 66 8.10 28.02 -2.60
C GLY A 66 8.45 27.39 -1.27
N ARG A 67 7.87 26.22 -1.01
CA ARG A 67 8.15 25.41 0.18
C ARG A 67 9.19 24.35 -0.10
N PHE A 68 9.10 23.74 -1.28
CA PHE A 68 9.96 22.61 -1.61
C PHE A 68 10.98 23.01 -2.66
N ALA A 69 12.14 22.37 -2.62
CA ALA A 69 13.15 22.60 -3.63
C ALA A 69 13.67 21.26 -4.12
N ILE A 70 13.47 20.99 -5.40
CA ILE A 70 14.07 19.84 -6.03
C ILE A 70 15.47 20.20 -6.49
N SER A 71 16.39 19.26 -6.31
CA SER A 71 17.75 19.40 -6.79
C SER A 71 18.26 18.04 -7.21
N ARG A 72 19.43 18.01 -7.81
CA ARG A 72 20.02 16.73 -8.16
C ARG A 72 21.53 16.81 -8.21
N ASP A 73 22.16 15.66 -8.05
CA ASP A 73 23.62 15.58 -8.13
C ASP A 73 24.03 14.51 -9.15
N ASN A 74 24.31 14.94 -10.37
CA ASN A 74 24.55 14.01 -11.46
C ASN A 74 25.76 13.08 -11.27
N PRO A 75 26.93 13.62 -10.90
CA PRO A 75 28.06 12.70 -10.70
C PRO A 75 27.82 11.65 -9.61
N LYS A 76 26.91 11.93 -8.68
CA LYS A 76 26.68 11.01 -7.57
C LYS A 76 25.37 10.24 -7.75
N ASN A 77 24.73 10.45 -8.90
CA ASN A 77 23.50 9.74 -9.28
C ASN A 77 22.38 9.88 -8.25
N THR A 78 22.20 11.10 -7.75
CA THR A 78 21.27 11.31 -6.67
C THR A 78 20.32 12.50 -6.89
N LEU A 79 19.05 12.22 -6.67
CA LEU A 79 18.00 13.23 -6.72
C LEU A 79 17.54 13.55 -5.29
N PHE A 80 17.30 14.82 -5.00
CA PHE A 80 16.85 15.21 -3.66
C PHE A 80 15.52 15.94 -3.69
N LEU A 81 14.84 15.95 -2.54
CA LEU A 81 13.75 16.89 -2.27
C LEU A 81 13.97 17.53 -0.89
N GLN A 82 14.19 18.84 -0.88
CA GLN A 82 14.27 19.61 0.35
C GLN A 82 12.86 20.11 0.70
N MET A 83 12.23 19.55 1.73
CA MET A 83 10.87 19.95 2.14
C MET A 83 10.87 20.87 3.36
N ASN A 84 10.19 22.01 3.26
CA ASN A 84 10.12 22.98 4.35
C ASN A 84 8.68 23.28 4.70
N SER A 85 8.47 23.81 5.91
CA SER A 85 7.15 24.15 6.43
C SER A 85 6.14 23.03 6.28
N LEU A 86 6.48 21.86 6.81
CA LEU A 86 5.63 20.71 6.64
C LEU A 86 4.40 20.76 7.52
N ARG A 87 3.33 20.18 7.01
CA ARG A 87 2.05 20.11 7.71
C ARG A 87 1.56 18.67 7.68
N PRO A 88 0.62 18.32 8.58
CA PRO A 88 0.09 16.95 8.58
C PRO A 88 -0.49 16.49 7.20
N ASP A 89 -0.92 17.40 6.32
CA ASP A 89 -1.47 16.97 5.03
C ASP A 89 -0.37 16.69 3.98
N ASP A 90 0.87 17.00 4.32
CA ASP A 90 2.01 16.58 3.51
C ASP A 90 2.40 15.12 3.81
N THR A 91 1.75 14.53 4.81
CA THR A 91 1.98 13.12 5.14
C THR A 91 1.65 12.21 3.99
N ALA A 92 2.61 11.37 3.59
CA ALA A 92 2.49 10.55 2.39
C ALA A 92 3.74 9.67 2.14
N VAL A 93 3.58 8.66 1.29
CA VAL A 93 4.70 8.03 0.61
C VAL A 93 5.23 8.94 -0.49
N TYR A 94 6.53 9.13 -0.54
CA TYR A 94 7.15 9.93 -1.58
C TYR A 94 7.91 9.06 -2.56
N TYR A 95 7.41 8.96 -3.78
CA TYR A 95 8.08 8.16 -4.80
C TYR A 95 9.02 9.02 -5.62
N CYS A 96 10.19 8.49 -5.91
CA CYS A 96 11.12 9.01 -6.92
C CYS A 96 10.76 8.40 -8.28
N ALA A 97 10.70 9.22 -9.33
CA ALA A 97 10.30 8.67 -10.64
C ALA A 97 11.16 9.16 -11.81
N LYS A 98 11.59 8.21 -12.64
CA LYS A 98 12.38 8.49 -13.83
C LYS A 98 11.50 8.88 -15.03
N GLY A 99 11.92 9.89 -15.80
CA GLY A 99 11.20 10.28 -16.98
C GLY A 99 11.45 9.40 -18.20
N GLY A 100 10.43 9.22 -19.03
CA GLY A 100 10.55 8.37 -20.20
C GLY A 100 11.42 9.00 -21.27
N ALA A 101 11.96 8.19 -22.17
CA ALA A 101 12.87 8.67 -23.23
C ALA A 101 12.34 9.79 -24.18
N ALA A 102 11.27 9.73 -25.00
CA ALA A 102 10.12 8.83 -25.26
C ALA A 102 8.88 9.73 -25.19
N ALA A 103 8.53 10.11 -23.96
CA ALA A 103 7.43 11.01 -23.69
C ALA A 103 7.58 11.43 -22.25
N ALA A 104 7.09 12.63 -21.92
CA ALA A 104 7.22 13.18 -20.58
C ALA A 104 6.43 12.40 -19.52
N VAL A 105 6.67 11.09 -19.44
CA VAL A 105 6.00 10.23 -18.47
C VAL A 105 7.00 9.70 -17.44
N MET A 106 6.49 9.07 -16.40
CA MET A 106 7.34 8.45 -15.40
C MET A 106 7.37 6.96 -15.67
N ASP A 107 8.43 6.49 -16.33
CA ASP A 107 8.46 5.09 -16.75
C ASP A 107 8.91 4.11 -15.65
N VAL A 108 9.70 4.55 -14.69
CA VAL A 108 10.12 3.67 -13.58
C VAL A 108 9.98 4.38 -12.22
N TRP A 109 9.47 3.68 -11.22
CA TRP A 109 9.25 4.27 -9.91
C TRP A 109 10.05 3.55 -8.84
N GLY A 110 10.54 4.28 -7.84
CA GLY A 110 11.07 3.64 -6.65
C GLY A 110 9.90 3.11 -5.82
N LYS A 111 10.19 2.43 -4.72
CA LYS A 111 9.14 1.93 -3.84
C LYS A 111 8.59 3.02 -2.92
N GLY A 112 9.32 4.12 -2.83
CA GLY A 112 8.93 5.23 -1.98
C GLY A 112 9.52 5.22 -0.57
N THR A 113 9.44 6.38 0.06
CA THR A 113 9.86 6.53 1.43
C THR A 113 8.68 7.17 2.13
N THR A 114 8.37 6.72 3.33
CA THR A 114 7.15 7.19 3.99
C THR A 114 7.47 8.38 4.91
N VAL A 115 6.76 9.49 4.69
CA VAL A 115 6.91 10.72 5.46
C VAL A 115 5.69 11.01 6.25
N THR A 116 5.87 11.27 7.55
CA THR A 116 4.76 11.51 8.43
C THR A 116 4.99 12.80 9.19
N VAL A 117 4.04 13.72 9.08
CA VAL A 117 4.17 14.98 9.76
C VAL A 117 3.15 14.93 10.88
N SER A 118 3.66 14.82 12.10
CA SER A 118 2.77 14.82 13.27
C SER A 118 3.51 15.16 14.55
N SER A 119 2.73 15.39 15.60
CA SER A 119 3.24 15.76 16.90
C SER A 119 3.48 14.52 17.73
N ALA A 120 4.31 13.65 17.21
CA ALA A 120 4.69 12.44 17.92
C ALA A 120 6.03 12.05 17.37
N SER A 121 6.81 11.40 18.21
CA SER A 121 8.16 11.03 17.81
C SER A 121 8.25 9.54 17.56
N THR A 122 9.41 9.13 17.04
CA THR A 122 9.70 7.74 16.72
C THR A 122 9.62 6.85 17.96
N LYS A 123 8.99 5.69 17.77
CA LYS A 123 8.91 4.68 18.82
C LYS A 123 8.95 3.30 18.18
N GLY A 124 9.92 2.50 18.59
CA GLY A 124 10.05 1.15 18.05
C GLY A 124 9.00 0.21 18.61
N PRO A 125 8.67 -0.85 17.86
CA PRO A 125 7.64 -1.81 18.29
C PRO A 125 8.13 -2.92 19.22
N SER A 126 7.20 -3.51 19.96
CA SER A 126 7.39 -4.82 20.49
C SER A 126 6.71 -5.84 19.55
N VAL A 127 7.29 -7.04 19.47
CA VAL A 127 6.77 -8.12 18.63
C VAL A 127 6.31 -9.30 19.51
N PHE A 128 5.07 -9.75 19.33
CA PHE A 128 4.56 -10.88 20.11
C PHE A 128 4.08 -12.01 19.20
N PRO A 129 4.27 -13.27 19.64
CA PRO A 129 3.85 -14.38 18.77
C PRO A 129 2.35 -14.50 18.72
N LEU A 130 1.85 -14.91 17.57
CA LEU A 130 0.49 -15.39 17.49
C LEU A 130 0.65 -16.90 17.30
N ALA A 131 0.45 -17.66 18.37
CA ALA A 131 0.86 -19.05 18.41
C ALA A 131 -0.26 -19.96 17.98
N PRO A 132 0.07 -21.04 17.26
CA PRO A 132 -0.92 -21.95 16.67
C PRO A 132 -1.68 -22.82 17.69
N SER A 133 -2.21 -23.95 17.22
CA SER A 133 -3.01 -24.89 18.02
C SER A 133 -4.22 -24.23 18.66
N GLY A 140 -5.99 -29.96 9.59
CA GLY A 140 -6.15 -29.53 8.21
C GLY A 140 -5.30 -28.32 7.87
N THR A 141 -5.77 -27.16 8.31
CA THR A 141 -5.05 -25.92 8.07
C THR A 141 -4.86 -25.17 9.38
N ALA A 142 -3.62 -24.76 9.66
CA ALA A 142 -3.33 -24.03 10.89
C ALA A 142 -2.83 -22.63 10.60
N ALA A 143 -2.95 -21.75 11.59
CA ALA A 143 -2.54 -20.38 11.43
C ALA A 143 -1.62 -19.93 12.56
N LEU A 144 -0.65 -19.12 12.19
CA LEU A 144 0.21 -18.48 13.18
C LEU A 144 0.62 -17.13 12.63
N GLY A 145 1.21 -16.31 13.49
CA GLY A 145 1.68 -15.00 13.06
C GLY A 145 2.49 -14.27 14.10
N CYS A 146 2.69 -12.99 13.84
CA CYS A 146 3.29 -12.09 14.82
C CYS A 146 2.44 -10.82 14.91
N LEU A 147 2.46 -10.24 16.10
CA LEU A 147 1.77 -8.99 16.37
C LEU A 147 2.84 -7.94 16.59
N VAL A 148 2.90 -6.94 15.71
CA VAL A 148 3.89 -5.89 15.79
C VAL A 148 3.23 -4.63 16.36
N LYS A 149 3.60 -4.31 17.59
CA LYS A 149 2.77 -3.49 18.44
C LYS A 149 3.45 -2.23 18.94
N ASP A 150 2.68 -1.14 18.92
CA ASP A 150 3.03 0.14 19.56
C ASP A 150 4.24 0.85 18.94
N TYR A 151 4.21 1.01 17.63
CA TYR A 151 5.30 1.70 16.93
C TYR A 151 4.80 3.01 16.29
N PHE A 152 5.74 3.89 15.94
CA PHE A 152 5.45 5.11 15.18
C PHE A 152 6.76 5.58 14.57
N PRO A 153 6.71 6.12 13.35
CA PRO A 153 5.57 6.22 12.45
C PRO A 153 5.50 4.98 11.57
N GLU A 154 4.65 5.01 10.55
CA GLU A 154 4.63 3.93 9.56
C GLU A 154 5.87 4.03 8.70
N PRO A 155 6.29 2.92 8.07
CA PRO A 155 5.72 1.58 8.11
C PRO A 155 6.58 0.58 8.87
N VAL A 156 6.05 -0.59 9.13
CA VAL A 156 6.91 -1.73 9.39
C VAL A 156 6.73 -2.69 8.23
N THR A 157 7.72 -3.52 7.98
CA THR A 157 7.56 -4.63 7.05
C THR A 157 7.71 -5.97 7.77
N VAL A 158 6.94 -6.95 7.33
CA VAL A 158 7.09 -8.31 7.83
C VAL A 158 7.26 -9.25 6.66
N SER A 159 8.31 -10.04 6.71
CA SER A 159 8.49 -11.14 5.79
C SER A 159 8.53 -12.42 6.61
N TRP A 160 8.29 -13.57 5.99
CA TRP A 160 8.42 -14.82 6.72
C TRP A 160 9.55 -15.63 6.14
N ASN A 161 10.30 -16.27 7.05
CA ASN A 161 11.43 -17.12 6.71
C ASN A 161 12.35 -16.41 5.72
N SER A 162 12.63 -15.15 6.04
CA SER A 162 13.51 -14.30 5.24
C SER A 162 13.05 -14.17 3.78
N GLY A 163 11.74 -14.25 3.55
CA GLY A 163 11.19 -14.09 2.23
C GLY A 163 10.96 -15.38 1.46
N ALA A 164 11.43 -16.51 1.99
CA ALA A 164 11.18 -17.80 1.32
C ALA A 164 9.70 -18.21 1.36
N LEU A 165 9.02 -17.77 2.41
CA LEU A 165 7.62 -18.14 2.63
C LEU A 165 6.70 -17.01 2.26
N THR A 166 5.99 -17.14 1.13
CA THR A 166 5.12 -16.07 0.68
C THR A 166 3.69 -16.54 0.54
N SER A 167 3.51 -17.77 0.09
CA SER A 167 2.17 -18.29 -0.14
C SER A 167 1.39 -18.31 1.19
N GLY A 168 0.15 -17.84 1.15
CA GLY A 168 -0.73 -17.91 2.31
C GLY A 168 -0.37 -16.90 3.39
N VAL A 169 0.52 -15.97 3.06
CA VAL A 169 0.88 -14.87 3.95
C VAL A 169 -0.10 -13.70 3.84
N HIS A 170 -0.62 -13.22 4.95
CA HIS A 170 -1.40 -11.99 4.93
C HIS A 170 -0.82 -11.05 5.96
N THR A 171 -0.54 -9.84 5.53
CA THR A 171 -0.02 -8.81 6.41
C THR A 171 -1.00 -7.64 6.35
N PHE A 172 -1.58 -7.30 7.50
CA PHE A 172 -2.75 -6.43 7.53
C PHE A 172 -2.39 -4.96 7.63
N PRO A 173 -3.27 -4.09 7.10
CA PRO A 173 -3.08 -2.65 7.26
C PRO A 173 -2.85 -2.37 8.75
N ALA A 174 -1.94 -1.46 9.06
CA ALA A 174 -1.70 -1.11 10.45
C ALA A 174 -2.94 -0.41 10.98
N VAL A 175 -3.24 -0.62 12.26
CA VAL A 175 -4.34 0.13 12.86
C VAL A 175 -3.73 1.15 13.82
N LEU A 176 -4.28 2.37 13.84
CA LEU A 176 -3.86 3.39 14.78
C LEU A 176 -4.64 3.29 16.09
N GLN A 177 -3.94 3.00 17.18
CA GLN A 177 -4.63 2.75 18.43
C GLN A 177 -5.02 4.07 19.07
N SER A 178 -5.79 4.01 20.15
CA SER A 178 -6.26 5.22 20.82
C SER A 178 -5.10 5.95 21.48
N SER A 179 -4.00 5.24 21.65
CA SER A 179 -2.77 5.80 22.17
C SER A 179 -2.00 6.63 21.15
N GLY A 180 -2.38 6.51 19.88
CA GLY A 180 -1.69 7.19 18.80
C GLY A 180 -0.52 6.39 18.25
N LEU A 181 -0.37 5.14 18.72
CA LEU A 181 0.68 4.25 18.23
C LEU A 181 0.08 3.21 17.30
N TYR A 182 0.86 2.79 16.29
CA TYR A 182 0.37 1.78 15.35
C TYR A 182 0.50 0.39 15.89
N SER A 183 -0.32 -0.49 15.34
CA SER A 183 -0.23 -1.90 15.61
C SER A 183 -0.47 -2.61 14.29
N LEU A 184 0.27 -3.69 14.07
CA LEU A 184 0.15 -4.42 12.83
C LEU A 184 0.25 -5.89 13.11
N SER A 185 -0.59 -6.64 12.42
CA SER A 185 -0.64 -8.09 12.52
C SER A 185 -0.25 -8.74 11.20
N SER A 186 0.59 -9.78 11.25
CA SER A 186 0.94 -10.55 10.03
C SER A 186 0.79 -12.01 10.32
N VAL A 187 0.11 -12.72 9.44
CA VAL A 187 -0.24 -14.12 9.67
C VAL A 187 0.06 -14.98 8.47
N VAL A 188 0.30 -16.26 8.72
CA VAL A 188 0.45 -17.21 7.64
C VAL A 188 -0.34 -18.47 7.98
N THR A 189 -0.91 -19.10 6.95
CA THR A 189 -1.59 -20.36 7.18
C THR A 189 -0.82 -21.48 6.50
N VAL A 190 -0.67 -22.58 7.23
CA VAL A 190 0.03 -23.78 6.79
C VAL A 190 -0.75 -25.01 7.27
N PRO A 191 -0.54 -26.17 6.63
CA PRO A 191 -1.25 -27.37 7.14
C PRO A 191 -0.78 -27.80 8.53
N SER A 192 -1.71 -28.30 9.33
CA SER A 192 -1.49 -28.55 10.76
C SER A 192 -0.44 -29.61 11.04
N SER A 193 -0.24 -30.51 10.09
CA SER A 193 0.74 -31.56 10.25
C SER A 193 2.16 -31.03 10.03
N SER A 194 2.22 -29.88 9.36
CA SER A 194 3.48 -29.20 9.09
C SER A 194 3.94 -28.25 10.20
N LEU A 195 3.22 -28.24 11.32
CA LEU A 195 3.49 -27.30 12.41
C LEU A 195 4.85 -27.43 13.10
N GLY A 196 5.36 -28.64 13.25
CA GLY A 196 6.66 -28.84 13.86
C GLY A 196 7.67 -29.38 12.86
N THR A 197 7.26 -29.36 11.60
CA THR A 197 7.96 -30.00 10.49
C THR A 197 9.00 -29.05 9.84
N GLN A 198 8.80 -27.76 10.06
CA GLN A 198 9.82 -26.78 9.74
C GLN A 198 9.59 -25.55 10.61
N THR A 199 10.52 -24.62 10.56
CA THR A 199 10.45 -23.43 11.39
C THR A 199 9.75 -22.29 10.66
N TYR A 200 8.94 -21.54 11.39
CA TYR A 200 8.29 -20.33 10.87
C TYR A 200 8.76 -19.15 11.66
N ILE A 201 9.41 -18.21 10.97
CA ILE A 201 10.08 -17.07 11.58
C ILE A 201 9.65 -15.77 10.93
N CYS A 202 9.11 -14.84 11.70
CA CYS A 202 8.72 -13.58 11.10
C CYS A 202 9.85 -12.58 11.28
N ASN A 203 10.24 -11.96 10.18
CA ASN A 203 11.26 -10.94 10.18
C ASN A 203 10.61 -9.59 10.10
N VAL A 204 10.68 -8.87 11.20
CA VAL A 204 10.09 -7.55 11.30
C VAL A 204 11.14 -6.46 11.17
N ASN A 205 10.84 -5.46 10.35
CA ASN A 205 11.65 -4.25 10.32
C ASN A 205 10.85 -2.95 10.51
N HIS A 206 11.32 -2.11 11.43
CA HIS A 206 10.80 -0.75 11.58
C HIS A 206 11.93 0.23 11.41
N LYS A 207 12.15 0.66 10.18
CA LYS A 207 13.33 1.44 9.81
C LYS A 207 13.45 2.81 10.52
N PRO A 208 12.33 3.47 10.85
CA PRO A 208 12.55 4.72 11.58
C PRO A 208 13.20 4.52 12.93
N SER A 209 13.03 3.36 13.55
CA SER A 209 13.62 3.17 14.86
C SER A 209 14.89 2.30 14.80
N ASN A 210 15.25 1.85 13.61
CA ASN A 210 16.33 0.89 13.47
C ASN A 210 16.00 -0.37 14.25
N THR A 211 14.74 -0.80 14.18
CA THR A 211 14.35 -2.02 14.85
C THR A 211 14.32 -3.21 13.90
N LYS A 212 15.10 -4.24 14.24
CA LYS A 212 15.15 -5.42 13.42
C LYS A 212 15.00 -6.65 14.31
N VAL A 213 13.98 -7.45 14.03
CA VAL A 213 13.59 -8.60 14.83
C VAL A 213 13.30 -9.84 13.98
N ASP A 214 13.91 -10.98 14.34
CA ASP A 214 13.48 -12.30 13.85
C ASP A 214 12.86 -13.09 14.99
N LYS A 215 11.57 -13.38 14.87
CA LYS A 215 10.91 -14.18 15.88
C LYS A 215 10.47 -15.52 15.33
N ARG A 216 10.97 -16.59 15.93
CA ARG A 216 10.46 -17.94 15.71
C ARG A 216 9.13 -18.17 16.42
N VAL A 217 8.12 -18.63 15.67
CA VAL A 217 6.81 -18.90 16.25
C VAL A 217 6.59 -20.41 16.35
N GLU A 218 6.14 -20.88 17.51
CA GLU A 218 5.97 -22.32 17.69
C GLU A 218 4.83 -22.61 18.66
N PRO A 219 4.22 -23.80 18.54
CA PRO A 219 3.18 -24.25 19.47
C PRO A 219 3.76 -24.48 20.86
N LYS A 220 2.91 -24.66 21.87
CA LYS A 220 3.39 -24.98 23.21
C LYS A 220 2.95 -26.38 23.61
N ASP B 1 -4.30 24.95 -15.21
CA ASP B 1 -4.10 23.59 -14.71
C ASP B 1 -5.15 22.63 -15.27
N ILE B 2 -4.69 21.52 -15.84
CA ILE B 2 -5.55 20.56 -16.52
C ILE B 2 -6.08 19.53 -15.54
N VAL B 3 -7.40 19.44 -15.43
CA VAL B 3 -8.09 18.56 -14.50
C VAL B 3 -8.46 17.27 -15.19
N MET B 4 -8.01 16.15 -14.63
CA MET B 4 -8.33 14.81 -15.12
C MET B 4 -9.37 14.13 -14.22
N THR B 5 -10.49 13.73 -14.80
CA THR B 5 -11.54 13.08 -14.04
C THR B 5 -11.78 11.66 -14.55
N GLN B 6 -11.67 10.66 -13.66
CA GLN B 6 -11.91 9.27 -14.03
C GLN B 6 -13.33 8.85 -13.71
N SER B 7 -13.84 7.86 -14.45
CA SER B 7 -15.11 7.25 -14.11
C SER B 7 -15.08 5.78 -14.50
N PRO B 8 -15.54 4.90 -13.61
CA PRO B 8 -16.10 5.17 -12.27
C PRO B 8 -15.02 5.18 -11.21
N ASP B 9 -15.40 5.27 -9.94
CA ASP B 9 -14.42 5.19 -8.84
C ASP B 9 -14.03 3.76 -8.55
N SER B 10 -14.88 2.81 -8.93
CA SER B 10 -14.66 1.41 -8.58
C SER B 10 -15.43 0.41 -9.47
N LEU B 11 -14.74 -0.63 -9.89
CA LEU B 11 -15.31 -1.69 -10.73
C LEU B 11 -15.14 -3.01 -10.06
N THR B 12 -16.15 -3.85 -10.15
CA THR B 12 -16.05 -5.18 -9.60
C THR B 12 -16.43 -6.15 -10.71
N VAL B 13 -15.42 -6.83 -11.26
CA VAL B 13 -15.54 -7.58 -12.50
C VAL B 13 -15.46 -9.11 -12.32
N SER B 14 -16.25 -9.85 -13.07
CA SER B 14 -16.11 -11.30 -13.09
C SER B 14 -14.88 -11.71 -13.88
N LEU B 15 -14.19 -12.76 -13.43
CA LEU B 15 -13.05 -13.31 -14.17
C LEU B 15 -13.40 -13.54 -15.64
N GLY B 16 -12.52 -13.14 -16.54
CA GLY B 16 -12.77 -13.32 -17.97
C GLY B 16 -13.68 -12.28 -18.61
N GLU B 17 -14.20 -11.36 -17.82
CA GLU B 17 -15.02 -10.27 -18.34
C GLU B 17 -14.23 -8.97 -18.51
N ARG B 18 -14.93 -7.95 -18.98
CA ARG B 18 -14.35 -6.73 -19.50
C ARG B 18 -14.45 -5.62 -18.48
N ALA B 19 -13.33 -4.95 -18.23
CA ALA B 19 -13.32 -3.74 -17.41
C ALA B 19 -13.05 -2.52 -18.28
N THR B 20 -13.87 -1.50 -18.15
CA THR B 20 -13.67 -0.28 -18.92
C THR B 20 -13.58 0.94 -18.00
N ILE B 21 -12.44 1.61 -18.07
CA ILE B 21 -12.16 2.78 -17.24
C ILE B 21 -12.08 4.03 -18.11
N SER B 22 -12.86 5.03 -17.74
CA SER B 22 -12.95 6.22 -18.53
C SER B 22 -12.15 7.36 -17.88
N CYS B 23 -11.56 8.20 -18.72
CA CYS B 23 -10.77 9.32 -18.24
C CYS B 23 -11.03 10.54 -19.10
N LYS B 24 -11.39 11.66 -18.47
CA LYS B 24 -11.84 12.84 -19.19
C LYS B 24 -10.95 14.02 -18.83
N SER B 25 -10.43 14.68 -19.84
CA SER B 25 -9.53 15.80 -19.61
C SER B 25 -10.28 17.11 -19.80
N SER B 26 -9.97 18.09 -18.97
CA SER B 26 -10.57 19.42 -19.07
C SER B 26 -9.93 20.21 -20.21
N GLN B 27 -8.87 19.68 -20.78
CA GLN B 27 -8.26 20.33 -21.93
C GLN B 27 -7.89 19.31 -22.99
N ARG B 28 -8.17 19.64 -24.25
CA ARG B 28 -7.74 18.81 -25.37
C ARG B 28 -6.29 18.44 -25.18
N LEU B 29 -5.96 17.16 -25.30
CA LEU B 29 -4.60 16.68 -25.07
C LEU B 29 -3.92 16.31 -26.38
N LEU B 30 -4.59 16.64 -27.47
CA LEU B 30 -4.07 16.40 -28.81
C LEU B 30 -3.29 17.61 -29.31
N TYR B 31 -2.08 17.35 -29.78
CA TYR B 31 -1.23 18.38 -30.37
C TYR B 31 -1.30 18.28 -31.88
N SER B 32 -1.92 19.28 -32.50
CA SER B 32 -2.11 19.31 -33.95
C SER B 32 -0.83 19.04 -34.73
N SER B 33 0.29 19.56 -34.21
CA SER B 33 1.55 19.51 -34.92
C SER B 33 2.17 18.11 -34.99
N ASN B 34 1.75 17.20 -34.13
CA ASN B 34 2.27 15.84 -34.28
C ASN B 34 1.19 14.79 -34.17
N ASN B 35 -0.03 15.22 -33.90
CA ASN B 35 -1.16 14.31 -33.85
C ASN B 35 -1.00 13.25 -32.74
N LYS B 36 -0.27 13.59 -31.69
CA LYS B 36 -0.16 12.71 -30.52
C LYS B 36 -0.95 13.24 -29.32
N ASN B 37 -1.61 12.31 -28.61
CA ASN B 37 -2.28 12.64 -27.35
C ASN B 37 -1.36 12.45 -26.15
N TYR B 38 -1.21 13.47 -25.33
CA TYR B 38 -0.25 13.44 -24.25
C TYR B 38 -0.87 12.85 -22.99
N LEU B 39 -1.33 11.61 -23.12
CA LEU B 39 -2.08 10.93 -22.05
C LEU B 39 -1.45 9.59 -21.68
N ALA B 40 -1.30 9.34 -20.38
CA ALA B 40 -0.77 8.07 -19.91
C ALA B 40 -1.65 7.37 -18.87
N TRP B 41 -1.48 6.05 -18.77
CA TRP B 41 -2.16 5.23 -17.79
C TRP B 41 -1.13 4.50 -16.92
N TYR B 42 -1.42 4.42 -15.62
CA TYR B 42 -0.57 3.75 -14.66
C TYR B 42 -1.39 2.71 -13.90
N GLN B 43 -0.74 1.60 -13.53
CA GLN B 43 -1.36 0.57 -12.70
C GLN B 43 -0.62 0.47 -11.37
N GLN B 44 -1.36 0.45 -10.27
CA GLN B 44 -0.73 0.35 -8.97
C GLN B 44 -1.43 -0.76 -8.20
N LYS B 45 -0.77 -1.92 -8.14
CA LYS B 45 -1.31 -3.07 -7.43
C LYS B 45 -1.11 -2.81 -5.94
N PRO B 46 -1.94 -3.45 -5.09
CA PRO B 46 -1.92 -3.18 -3.65
C PRO B 46 -0.56 -3.36 -3.01
N GLY B 47 -0.11 -2.34 -2.28
CA GLY B 47 1.18 -2.39 -1.60
C GLY B 47 2.39 -2.16 -2.49
N GLN B 48 2.16 -1.86 -3.76
CA GLN B 48 3.27 -1.67 -4.68
C GLN B 48 3.30 -0.24 -5.22
N PRO B 49 4.44 0.16 -5.82
CA PRO B 49 4.51 1.45 -6.53
C PRO B 49 3.81 1.35 -7.86
N PRO B 50 3.42 2.50 -8.43
CA PRO B 50 2.78 2.57 -9.74
C PRO B 50 3.63 2.01 -10.89
N LYS B 51 2.99 1.43 -11.91
CA LYS B 51 3.72 1.08 -13.13
C LYS B 51 3.08 1.75 -14.32
N LEU B 52 3.91 2.25 -15.23
CA LEU B 52 3.42 2.83 -16.48
C LEU B 52 2.93 1.77 -17.45
N LEU B 53 1.68 1.89 -17.89
CA LEU B 53 1.07 0.93 -18.81
C LEU B 53 1.00 1.42 -20.25
N MET B 54 0.64 2.70 -20.40
CA MET B 54 0.32 3.31 -21.68
C MET B 54 0.87 4.70 -21.76
N TYR B 55 1.24 5.12 -22.96
CA TYR B 55 1.52 6.54 -23.23
C TYR B 55 1.17 6.83 -24.69
N TRP B 56 1.09 8.12 -25.05
CA TRP B 56 0.47 8.57 -26.30
C TRP B 56 -0.90 7.92 -26.47
N ALA B 57 -1.65 7.86 -25.38
CA ALA B 57 -2.98 7.28 -25.30
C ALA B 57 -3.03 5.76 -25.44
N SER B 58 -2.28 5.19 -26.38
CA SER B 58 -2.47 3.79 -26.77
C SER B 58 -1.21 2.94 -26.93
N THR B 59 -0.02 3.53 -26.77
CA THR B 59 1.22 2.76 -26.89
C THR B 59 1.51 1.99 -25.58
N ARG B 60 1.49 0.66 -25.68
CA ARG B 60 1.77 -0.17 -24.51
C ARG B 60 3.22 -0.04 -24.11
N GLU B 61 3.48 -0.03 -22.81
CA GLU B 61 4.84 -0.11 -22.29
C GLU B 61 5.33 -1.55 -22.44
N SER B 62 6.64 -1.75 -22.45
CA SER B 62 7.19 -3.12 -22.47
C SER B 62 6.69 -3.96 -21.29
N GLY B 63 6.31 -5.20 -21.57
CA GLY B 63 5.86 -6.11 -20.54
C GLY B 63 4.39 -6.07 -20.21
N VAL B 64 3.69 -5.04 -20.66
CA VAL B 64 2.25 -4.96 -20.44
C VAL B 64 1.51 -5.97 -21.32
N PRO B 65 0.72 -6.84 -20.68
CA PRO B 65 0.00 -7.88 -21.42
C PRO B 65 -1.03 -7.29 -22.40
N ASP B 66 -1.41 -8.08 -23.40
CA ASP B 66 -2.19 -7.55 -24.51
C ASP B 66 -3.70 -7.58 -24.23
N ARG B 67 -4.08 -7.89 -22.99
CA ARG B 67 -5.47 -7.71 -22.58
C ARG B 67 -5.74 -6.26 -22.18
N PHE B 68 -4.68 -5.45 -22.03
CA PHE B 68 -4.85 -4.02 -21.77
C PHE B 68 -4.83 -3.21 -23.07
N SER B 69 -5.86 -2.39 -23.28
CA SER B 69 -5.88 -1.48 -24.42
C SER B 69 -6.20 -0.07 -23.98
N GLY B 70 -5.38 0.86 -24.44
CA GLY B 70 -5.60 2.28 -24.21
C GLY B 70 -6.10 2.94 -25.48
N SER B 71 -7.10 3.78 -25.37
CA SER B 71 -7.62 4.44 -26.55
C SER B 71 -8.22 5.78 -26.18
N GLY B 72 -8.80 6.44 -27.19
CA GLY B 72 -9.34 7.79 -27.06
C GLY B 72 -8.49 8.82 -27.78
N SER B 73 -9.07 10.00 -27.96
CA SER B 73 -8.36 11.16 -28.50
C SER B 73 -9.07 12.42 -28.03
N GLY B 74 -8.30 13.48 -27.80
CA GLY B 74 -8.88 14.77 -27.48
C GLY B 74 -9.08 15.02 -26.00
N THR B 75 -10.32 14.91 -25.53
CA THR B 75 -10.60 15.05 -24.11
C THR B 75 -11.03 13.74 -23.49
N ASP B 76 -11.38 12.76 -24.31
CA ASP B 76 -12.03 11.57 -23.79
C ASP B 76 -11.22 10.32 -24.03
N PHE B 77 -10.86 9.66 -22.93
CA PHE B 77 -10.00 8.49 -23.03
C PHE B 77 -10.55 7.30 -22.27
N SER B 78 -9.97 6.15 -22.54
CA SER B 78 -10.51 4.91 -22.06
C SER B 78 -9.39 3.89 -21.86
N LEU B 79 -9.44 3.17 -20.76
CA LEU B 79 -8.56 2.01 -20.56
C LEU B 79 -9.42 0.77 -20.46
N THR B 80 -9.22 -0.18 -21.36
CA THR B 80 -10.01 -1.40 -21.34
C THR B 80 -9.15 -2.62 -21.05
N ILE B 81 -9.59 -3.41 -20.09
CA ILE B 81 -8.97 -4.70 -19.81
C ILE B 81 -9.92 -5.74 -20.35
N SER B 82 -9.66 -6.23 -21.54
CA SER B 82 -10.47 -7.32 -22.03
C SER B 82 -10.08 -8.58 -21.24
N SER B 83 -11.08 -9.35 -20.84
CA SER B 83 -10.89 -10.66 -20.25
C SER B 83 -10.07 -10.63 -18.97
N LEU B 84 -10.65 -10.08 -17.91
CA LEU B 84 -9.88 -9.74 -16.72
C LEU B 84 -9.33 -10.97 -16.02
N GLN B 85 -8.10 -10.87 -15.52
CA GLN B 85 -7.48 -11.97 -14.78
C GLN B 85 -7.33 -11.56 -13.32
N ALA B 86 -7.12 -12.54 -12.45
CA ALA B 86 -7.06 -12.27 -11.02
C ALA B 86 -5.95 -11.24 -10.68
N GLU B 87 -4.77 -11.38 -11.32
CA GLU B 87 -3.64 -10.45 -11.14
C GLU B 87 -3.99 -8.98 -11.28
N ASP B 88 -5.03 -8.70 -12.05
CA ASP B 88 -5.28 -7.35 -12.51
C ASP B 88 -5.97 -6.48 -11.47
N VAL B 89 -6.25 -7.02 -10.28
CA VAL B 89 -6.86 -6.17 -9.25
C VAL B 89 -5.89 -5.05 -8.89
N ALA B 90 -6.34 -3.80 -9.03
CA ALA B 90 -5.45 -2.67 -8.79
C ALA B 90 -6.21 -1.36 -8.72
N VAL B 91 -5.50 -0.26 -8.54
CA VAL B 91 -6.06 1.06 -8.84
C VAL B 91 -5.38 1.61 -10.10
N TYR B 92 -6.17 2.05 -11.06
CA TYR B 92 -5.63 2.54 -12.33
C TYR B 92 -5.77 4.07 -12.43
N TYR B 93 -4.73 4.73 -12.92
CA TYR B 93 -4.68 6.19 -12.95
C TYR B 93 -4.38 6.64 -14.36
N CYS B 94 -5.16 7.58 -14.86
CA CYS B 94 -4.77 8.28 -16.07
C CYS B 94 -4.01 9.51 -15.65
N GLN B 95 -3.25 10.09 -16.57
CA GLN B 95 -2.42 11.24 -16.30
C GLN B 95 -2.13 12.00 -17.60
N GLN B 96 -2.31 13.33 -17.60
CA GLN B 96 -1.87 14.13 -18.74
C GLN B 96 -0.43 14.58 -18.56
N TYR B 97 0.32 14.71 -19.63
CA TYR B 97 1.66 15.27 -19.52
C TYR B 97 1.85 16.26 -20.63
N TYR B 98 0.72 16.78 -21.09
CA TYR B 98 0.69 17.84 -22.05
C TYR B 98 1.48 19.05 -21.53
N ASN B 99 1.37 19.32 -20.22
CA ASN B 99 1.88 20.56 -19.63
C ASN B 99 1.94 20.53 -18.10
N PRO B 100 2.98 21.15 -17.51
CA PRO B 100 2.99 21.23 -16.05
C PRO B 100 1.85 22.09 -15.51
N PRO B 101 1.35 21.74 -14.32
CA PRO B 101 1.70 20.59 -13.48
C PRO B 101 1.15 19.28 -14.04
N TRP B 102 1.98 18.24 -14.11
CA TRP B 102 1.51 16.90 -14.43
C TRP B 102 0.37 16.60 -13.47
N THR B 103 -0.73 16.05 -13.98
CA THR B 103 -1.93 15.83 -13.18
C THR B 103 -2.49 14.43 -13.41
N PHE B 104 -2.93 13.80 -12.33
CA PHE B 104 -3.49 12.45 -12.34
C PHE B 104 -5.00 12.50 -12.17
N GLY B 105 -5.70 11.53 -12.77
CA GLY B 105 -7.09 11.29 -12.44
C GLY B 105 -7.14 10.74 -11.02
N GLN B 106 -8.31 10.69 -10.40
CA GLN B 106 -8.39 10.36 -8.96
C GLN B 106 -8.15 8.88 -8.67
N GLY B 107 -8.12 8.06 -9.72
CA GLY B 107 -7.89 6.62 -9.57
C GLY B 107 -9.17 5.83 -9.67
N THR B 108 -9.08 4.64 -10.28
CA THR B 108 -10.23 3.74 -10.34
C THR B 108 -9.85 2.36 -9.79
N LYS B 109 -10.52 1.92 -8.72
CA LYS B 109 -10.13 0.64 -8.15
C LYS B 109 -10.79 -0.47 -8.94
N VAL B 110 -10.05 -1.53 -9.25
CA VAL B 110 -10.65 -2.69 -9.91
C VAL B 110 -10.56 -3.91 -9.01
N GLU B 111 -11.69 -4.60 -8.87
CA GLU B 111 -11.73 -5.80 -8.06
C GLU B 111 -12.47 -6.92 -8.81
N VAL B 112 -12.27 -8.15 -8.35
CA VAL B 112 -12.90 -9.30 -8.98
C VAL B 112 -14.17 -9.69 -8.24
N LYS B 113 -15.24 -9.96 -9.00
CA LYS B 113 -16.41 -10.60 -8.41
C LYS B 113 -16.30 -12.14 -8.49
N ARG B 114 -16.48 -12.84 -7.37
CA ARG B 114 -16.29 -14.28 -7.37
C ARG B 114 -17.34 -14.99 -6.52
N THR B 115 -17.24 -16.32 -6.48
CA THR B 115 -18.18 -17.11 -5.73
C THR B 115 -18.05 -16.82 -4.23
N VAL B 116 -19.15 -17.01 -3.51
CA VAL B 116 -19.15 -16.79 -2.07
C VAL B 116 -18.19 -17.78 -1.43
N ALA B 117 -17.37 -17.30 -0.51
CA ALA B 117 -16.49 -18.17 0.25
C ALA B 117 -16.52 -17.77 1.72
N ALA B 118 -16.64 -18.77 2.58
CA ALA B 118 -16.74 -18.53 4.02
C ALA B 118 -15.35 -18.36 4.63
N PRO B 119 -15.26 -17.55 5.69
CA PRO B 119 -13.94 -17.40 6.31
C PRO B 119 -13.55 -18.63 7.14
N SER B 120 -12.26 -18.94 7.16
CA SER B 120 -11.71 -19.79 8.20
C SER B 120 -11.37 -18.89 9.39
N VAL B 121 -11.81 -19.26 10.60
CA VAL B 121 -11.59 -18.43 11.78
C VAL B 121 -10.54 -18.99 12.74
N PHE B 122 -9.66 -18.13 13.23
CA PHE B 122 -8.61 -18.56 14.15
C PHE B 122 -8.50 -17.60 15.33
N ILE B 123 -8.46 -18.12 16.54
CA ILE B 123 -8.30 -17.25 17.70
C ILE B 123 -6.91 -17.39 18.34
N PHE B 124 -6.31 -16.27 18.73
CA PHE B 124 -5.03 -16.32 19.44
C PHE B 124 -5.09 -15.62 20.80
N PRO B 125 -4.56 -16.25 21.84
CA PRO B 125 -4.46 -15.61 23.16
C PRO B 125 -3.29 -14.64 23.19
N PRO B 126 -3.21 -13.79 24.21
CA PRO B 126 -2.01 -12.96 24.31
C PRO B 126 -0.83 -13.81 24.72
N SER B 127 0.36 -13.42 24.32
CA SER B 127 1.57 -14.08 24.79
C SER B 127 1.86 -13.70 26.22
N ASP B 128 2.58 -14.57 26.92
CA ASP B 128 3.04 -14.24 28.27
C ASP B 128 3.92 -13.00 28.27
N GLU B 129 4.69 -12.85 27.20
CA GLU B 129 5.55 -11.69 27.01
C GLU B 129 4.80 -10.36 27.09
N GLN B 130 3.67 -10.27 26.39
CA GLN B 130 2.95 -9.00 26.32
C GLN B 130 2.48 -8.54 27.69
N LEU B 131 2.02 -9.47 28.51
CA LEU B 131 1.35 -9.14 29.77
C LEU B 131 2.19 -8.24 30.69
N LYS B 132 3.52 -8.39 30.61
CA LYS B 132 4.43 -7.66 31.49
C LYS B 132 4.40 -6.16 31.26
N SER B 133 3.57 -5.70 30.34
CA SER B 133 3.49 -4.28 30.06
C SER B 133 2.14 -3.70 30.47
N GLY B 134 1.26 -4.57 31.00
CA GLY B 134 0.01 -4.13 31.57
C GLY B 134 -1.22 -4.36 30.73
N THR B 135 -1.04 -4.85 29.50
CA THR B 135 -2.13 -4.91 28.54
C THR B 135 -2.09 -6.21 27.74
N ALA B 136 -3.24 -6.55 27.15
CA ALA B 136 -3.39 -7.82 26.49
C ALA B 136 -4.09 -7.65 25.16
N SER B 137 -3.54 -8.29 24.13
CA SER B 137 -4.19 -8.34 22.83
C SER B 137 -4.65 -9.77 22.54
N VAL B 138 -5.95 -9.90 22.28
CA VAL B 138 -6.53 -11.15 21.82
C VAL B 138 -6.79 -10.99 20.33
N VAL B 139 -6.36 -11.93 19.51
CA VAL B 139 -6.50 -11.70 18.08
C VAL B 139 -7.39 -12.75 17.43
N CYS B 140 -8.26 -12.28 16.53
CA CYS B 140 -9.14 -13.19 15.82
C CYS B 140 -8.97 -12.99 14.33
N LEU B 141 -8.67 -14.08 13.62
CA LEU B 141 -8.38 -14.04 12.20
C LEU B 141 -9.50 -14.65 11.37
N LEU B 142 -9.95 -13.90 10.37
CA LEU B 142 -10.96 -14.36 9.41
C LEU B 142 -10.26 -14.52 8.08
N ASN B 143 -10.07 -15.75 7.63
CA ASN B 143 -9.18 -15.96 6.51
C ASN B 143 -9.85 -16.34 5.18
N ASN B 144 -9.42 -15.66 4.11
CA ASN B 144 -9.84 -15.93 2.73
C ASN B 144 -11.34 -16.12 2.49
N PHE B 145 -12.13 -15.09 2.79
CA PHE B 145 -13.56 -15.09 2.53
C PHE B 145 -13.90 -14.16 1.36
N TYR B 146 -15.16 -14.21 0.96
CA TYR B 146 -15.72 -13.33 -0.06
C TYR B 146 -17.22 -13.44 0.10
N PRO B 147 -17.95 -12.31 0.07
CA PRO B 147 -17.47 -10.94 -0.19
C PRO B 147 -16.83 -10.29 1.04
N ARG B 148 -16.46 -9.02 0.90
CA ARG B 148 -15.71 -8.28 1.94
C ARG B 148 -16.46 -8.14 3.27
N GLU B 149 -17.79 -8.08 3.21
CA GLU B 149 -18.59 -7.79 4.39
C GLU B 149 -18.52 -8.97 5.37
N ALA B 150 -18.35 -8.64 6.65
CA ALA B 150 -18.18 -9.67 7.68
C ALA B 150 -18.31 -9.07 9.07
N LYS B 151 -18.67 -9.91 10.03
CA LYS B 151 -19.00 -9.42 11.36
C LYS B 151 -18.21 -10.18 12.41
N VAL B 152 -17.53 -9.46 13.29
CA VAL B 152 -16.83 -10.07 14.42
C VAL B 152 -17.47 -9.63 15.70
N GLN B 153 -17.91 -10.58 16.51
CA GLN B 153 -18.39 -10.25 17.85
C GLN B 153 -17.51 -10.95 18.87
N TRP B 154 -16.87 -10.16 19.73
CA TRP B 154 -16.07 -10.71 20.83
C TRP B 154 -16.91 -10.97 22.06
N LYS B 155 -16.55 -12.03 22.77
CA LYS B 155 -17.23 -12.41 23.99
C LYS B 155 -16.20 -12.79 25.05
N VAL B 156 -16.45 -12.39 26.30
CA VAL B 156 -15.54 -12.69 27.40
C VAL B 156 -16.36 -13.23 28.55
N ASP B 157 -16.28 -14.55 28.78
CA ASP B 157 -17.19 -15.24 29.69
C ASP B 157 -18.64 -14.87 29.41
N ASN B 158 -18.98 -14.90 28.12
CA ASN B 158 -20.34 -14.69 27.61
C ASN B 158 -20.77 -13.23 27.58
N ALA B 159 -19.93 -12.32 28.05
CA ALA B 159 -20.26 -10.91 27.93
C ALA B 159 -19.83 -10.39 26.56
N LEU B 160 -20.77 -9.78 25.86
CA LEU B 160 -20.53 -9.14 24.57
C LEU B 160 -19.70 -7.87 24.74
N GLN B 161 -18.52 -7.89 24.13
CA GLN B 161 -17.58 -6.78 24.21
C GLN B 161 -17.94 -5.69 23.21
N SER B 162 -17.72 -4.43 23.54
CA SER B 162 -17.75 -3.40 22.53
C SER B 162 -16.90 -2.20 22.93
N GLY B 163 -16.44 -1.44 21.94
CA GLY B 163 -15.66 -0.26 22.23
C GLY B 163 -14.20 -0.54 22.53
N ASN B 164 -13.84 -1.83 22.62
CA ASN B 164 -12.47 -2.24 22.95
C ASN B 164 -11.83 -3.17 21.91
N SER B 165 -12.24 -3.03 20.64
CA SER B 165 -11.63 -3.81 19.56
C SER B 165 -11.36 -2.96 18.31
N GLN B 166 -10.42 -3.42 17.49
CA GLN B 166 -10.13 -2.78 16.22
C GLN B 166 -9.83 -3.80 15.13
N GLU B 167 -10.27 -3.48 13.93
CA GLU B 167 -10.25 -4.38 12.79
C GLU B 167 -9.46 -3.81 11.62
N SER B 168 -8.81 -4.67 10.84
CA SER B 168 -8.28 -4.25 9.54
C SER B 168 -8.38 -5.39 8.52
N VAL B 169 -8.50 -5.02 7.25
CA VAL B 169 -8.85 -5.97 6.20
C VAL B 169 -7.86 -5.85 5.05
N THR B 170 -7.35 -6.99 4.56
CA THR B 170 -6.41 -6.92 3.47
C THR B 170 -7.14 -6.49 2.20
N GLU B 171 -6.40 -5.96 1.23
CA GLU B 171 -6.92 -5.75 -0.12
C GLU B 171 -7.08 -7.09 -0.81
N GLN B 172 -8.06 -7.20 -1.70
CA GLN B 172 -8.35 -8.45 -2.37
C GLN B 172 -7.11 -9.16 -2.92
N ASP B 173 -6.94 -10.43 -2.52
CA ASP B 173 -5.84 -11.31 -2.94
C ASP B 173 -5.77 -11.50 -4.47
N SER B 174 -4.56 -11.52 -5.02
CA SER B 174 -4.38 -11.49 -6.48
C SER B 174 -4.41 -12.89 -7.13
N LYS B 175 -4.52 -13.96 -6.34
CA LYS B 175 -4.70 -15.28 -6.93
C LYS B 175 -6.09 -15.90 -6.66
N ASP B 176 -6.58 -15.82 -5.42
CA ASP B 176 -7.88 -16.45 -5.12
C ASP B 176 -9.00 -15.43 -4.93
N SER B 177 -8.66 -14.16 -5.09
CA SER B 177 -9.66 -13.09 -5.05
C SER B 177 -10.44 -12.99 -3.71
N THR B 178 -9.81 -13.38 -2.62
CA THR B 178 -10.45 -13.28 -1.33
C THR B 178 -9.94 -12.09 -0.52
N TYR B 179 -10.62 -11.89 0.61
CA TYR B 179 -10.23 -10.90 1.58
C TYR B 179 -9.87 -11.63 2.88
N SER B 180 -9.09 -10.99 3.73
CA SER B 180 -8.86 -11.48 5.10
C SER B 180 -8.99 -10.32 6.07
N LEU B 181 -9.22 -10.63 7.34
CA LEU B 181 -9.52 -9.62 8.33
C LEU B 181 -8.96 -10.04 9.67
N SER B 182 -8.32 -9.11 10.34
CA SER B 182 -7.82 -9.32 11.69
C SER B 182 -8.55 -8.41 12.67
N SER B 183 -9.02 -8.99 13.77
CA SER B 183 -9.64 -8.21 14.84
C SER B 183 -8.86 -8.40 16.13
N THR B 184 -8.61 -7.29 16.82
CA THR B 184 -7.84 -7.31 18.05
C THR B 184 -8.69 -6.74 19.17
N LEU B 185 -8.87 -7.53 20.22
CA LEU B 185 -9.53 -7.09 21.44
C LEU B 185 -8.44 -6.63 22.43
N THR B 186 -8.67 -5.51 23.10
CA THR B 186 -7.70 -5.05 24.08
C THR B 186 -8.24 -5.17 25.50
N LEU B 187 -7.42 -5.69 26.40
CA LEU B 187 -7.77 -5.77 27.82
C LEU B 187 -6.59 -5.40 28.66
N SER B 188 -6.87 -4.87 29.84
CA SER B 188 -5.86 -4.74 30.86
C SER B 188 -5.37 -6.14 31.28
N LYS B 189 -4.13 -6.24 31.75
CA LYS B 189 -3.63 -7.53 32.21
C LYS B 189 -4.51 -8.10 33.32
N ALA B 190 -4.83 -7.27 34.30
CA ALA B 190 -5.69 -7.68 35.39
C ALA B 190 -7.06 -8.21 34.89
N ASP B 191 -7.65 -7.53 33.92
CA ASP B 191 -8.93 -7.99 33.39
C ASP B 191 -8.79 -9.35 32.68
N TYR B 192 -7.82 -9.45 31.77
CA TYR B 192 -7.57 -10.73 31.11
C TYR B 192 -7.39 -11.90 32.09
N GLU B 193 -6.78 -11.65 33.23
CA GLU B 193 -6.53 -12.69 34.21
C GLU B 193 -7.78 -13.06 35.05
N LYS B 194 -8.74 -12.14 35.17
CA LYS B 194 -9.92 -12.45 35.97
C LYS B 194 -10.93 -13.35 35.23
N HIS B 195 -10.79 -13.45 33.91
CA HIS B 195 -11.77 -14.21 33.12
C HIS B 195 -11.17 -15.42 32.40
N LYS B 196 -12.04 -16.33 31.97
CA LYS B 196 -11.60 -17.64 31.50
C LYS B 196 -11.81 -17.86 30.01
N VAL B 197 -13.07 -17.76 29.59
CA VAL B 197 -13.42 -18.09 28.22
C VAL B 197 -13.47 -16.87 27.30
N TYR B 198 -12.56 -16.86 26.34
CA TYR B 198 -12.49 -15.83 25.32
C TYR B 198 -12.90 -16.36 23.96
N ALA B 199 -13.86 -15.68 23.33
CA ALA B 199 -14.42 -16.19 22.09
C ALA B 199 -14.54 -15.14 20.99
N CYS B 200 -14.23 -15.56 19.77
CA CYS B 200 -14.48 -14.75 18.59
C CYS B 200 -15.66 -15.32 17.80
N GLU B 201 -16.78 -14.60 17.75
CA GLU B 201 -17.94 -15.07 16.96
C GLU B 201 -18.03 -14.32 15.61
N VAL B 202 -18.18 -15.08 14.53
CA VAL B 202 -18.10 -14.53 13.19
C VAL B 202 -19.35 -14.77 12.37
N THR B 203 -19.83 -13.70 11.74
CA THR B 203 -20.97 -13.77 10.84
C THR B 203 -20.49 -13.36 9.45
N HIS B 204 -20.96 -14.07 8.44
CA HIS B 204 -20.57 -13.84 7.07
C HIS B 204 -21.56 -14.57 6.16
N GLN B 205 -21.66 -14.13 4.91
CA GLN B 205 -22.67 -14.65 3.97
C GLN B 205 -22.47 -16.13 3.66
N GLY B 206 -21.23 -16.58 3.75
CA GLY B 206 -20.89 -17.91 3.35
C GLY B 206 -21.09 -18.93 4.46
N LEU B 207 -21.54 -18.46 5.63
CA LEU B 207 -21.87 -19.33 6.75
C LEU B 207 -23.35 -19.25 7.08
N SER B 208 -23.99 -20.42 7.23
CA SER B 208 -25.42 -20.53 7.50
C SER B 208 -25.79 -20.09 8.91
N SER B 209 -24.82 -20.17 9.82
CA SER B 209 -24.97 -19.71 11.19
C SER B 209 -23.60 -19.28 11.69
N PRO B 210 -23.57 -18.33 12.64
CA PRO B 210 -22.29 -17.81 13.13
C PRO B 210 -21.30 -18.88 13.57
N VAL B 211 -20.02 -18.68 13.28
CA VAL B 211 -18.98 -19.56 13.79
C VAL B 211 -18.34 -18.93 15.02
N THR B 212 -18.11 -19.74 16.05
CA THR B 212 -17.39 -19.25 17.22
C THR B 212 -16.10 -20.04 17.48
N LYS B 213 -14.97 -19.36 17.49
CA LYS B 213 -13.71 -19.97 17.92
C LYS B 213 -13.43 -19.51 19.35
N SER B 214 -12.93 -20.40 20.21
CA SER B 214 -12.69 -20.07 21.59
C SER B 214 -11.44 -20.72 22.17
N PHE B 215 -10.94 -20.12 23.24
CA PHE B 215 -9.96 -20.75 24.15
C PHE B 215 -10.26 -20.37 25.62
N ASN B 216 -9.92 -21.26 26.55
CA ASN B 216 -9.85 -20.92 27.97
C ASN B 216 -8.44 -20.46 28.33
N ARG B 217 -8.31 -19.32 28.99
CA ARG B 217 -7.00 -18.86 29.45
C ARG B 217 -6.36 -19.97 30.31
N GLY B 218 -5.08 -20.25 30.09
CA GLY B 218 -4.44 -21.35 30.79
C GLY B 218 -4.43 -22.62 29.98
N GLU B 219 -5.08 -22.54 28.81
CA GLU B 219 -5.31 -23.67 27.90
C GLU B 219 -6.17 -24.75 28.53
N PRO C 4 -2.28 26.27 -26.87
CA PRO C 4 -0.90 26.27 -26.35
C PRO C 4 -0.20 24.93 -26.57
N PRO C 5 1.00 24.94 -27.18
CA PRO C 5 1.82 23.76 -27.45
C PRO C 5 2.22 23.03 -26.16
N PRO C 6 2.22 21.69 -26.19
CA PRO C 6 2.65 20.88 -25.05
C PRO C 6 4.13 21.11 -24.81
N ILE C 7 4.63 20.87 -23.62
CA ILE C 7 6.05 21.05 -23.46
C ILE C 7 6.78 19.88 -24.11
N ASP C 8 7.94 20.19 -24.67
CA ASP C 8 8.72 19.22 -25.42
C ASP C 8 9.53 18.41 -24.43
N ASN C 9 9.37 17.09 -24.49
CA ASN C 9 10.05 16.17 -23.55
C ASN C 9 11.56 16.39 -23.58
N GLY C 10 12.05 16.85 -24.73
CA GLY C 10 13.45 17.17 -24.90
C GLY C 10 13.97 18.25 -23.97
N ASP C 11 13.08 19.05 -23.39
CA ASP C 11 13.55 20.04 -22.43
C ASP C 11 13.59 19.46 -21.02
N ILE C 12 13.17 18.21 -20.90
CA ILE C 12 13.10 17.50 -19.63
C ILE C 12 14.12 16.36 -19.58
N THR C 13 14.16 15.57 -20.64
CA THR C 13 15.18 14.54 -20.83
C THR C 13 15.82 14.66 -22.23
N SER C 14 17.13 14.51 -22.27
CA SER C 14 17.88 14.49 -23.52
C SER C 14 18.08 13.05 -23.95
N NH2 C 15 18.48 12.87 -25.21
#